data_2GKI
#
_entry.id   2GKI
#
_cell.length_a   179.740
_cell.length_b   179.740
_cell.length_c   184.230
_cell.angle_alpha   90.00
_cell.angle_beta   90.00
_cell.angle_gamma   120.00
#
_symmetry.space_group_name_H-M   'P 61 2 2'
#
loop_
_entity.id
_entity.type
_entity.pdbx_description
1 polymer nuclease
2 water water
#
_entity_poly.entity_id   1
_entity_poly.type   'polypeptide(L)'
_entity_poly.pdbx_seq_one_letter_code
;MKQSTIALALLPLLFTPVTKAREVQLQQSGPELVKPGASVKMSCKASGYTFTSYVMHWVKQKPGQGLEWIGYINPYNDGT
KYNEKFKGKATLTSDKSSSTAYMELSSLTSEDSAVYYCARGAYKRGYAMDYWGQGTSVTVSSRGGGGSGGGGSGGGGSDL
VMSQSPSSLAVSAGEKVTMSCKSSQSLFNSRTRKNYLAWYQQKPGQSPKLLIYWASTRESGVPDRFTGSGSGTDFTLTIS
SVQAEDLAVYYCKQSYYHMYTFGSGTKLEIKHHHHHGLVPRGSGDPKADNK
;
_entity_poly.pdbx_strand_id   A,B
#
# COMPACT_ATOMS: atom_id res chain seq x y z
N GLU A 23 16.99 -14.00 26.73
CA GLU A 23 15.96 -14.99 27.13
C GLU A 23 14.62 -14.78 26.41
N VAL A 24 14.12 -13.54 26.40
CA VAL A 24 12.86 -13.24 25.71
C VAL A 24 13.11 -13.27 24.21
N GLN A 25 12.26 -13.96 23.46
CA GLN A 25 12.41 -14.03 22.02
C GLN A 25 11.11 -14.12 21.25
N LEU A 26 11.00 -13.30 20.21
CA LEU A 26 9.84 -13.26 19.35
C LEU A 26 10.25 -13.71 17.95
N GLN A 27 9.88 -14.94 17.60
CA GLN A 27 10.22 -15.52 16.30
C GLN A 27 9.01 -15.45 15.36
N GLN A 28 9.13 -14.65 14.30
CA GLN A 28 8.04 -14.50 13.34
C GLN A 28 8.17 -15.41 12.13
N SER A 29 7.03 -15.74 11.53
CA SER A 29 6.99 -16.62 10.37
C SER A 29 7.73 -16.03 9.18
N GLY A 30 7.98 -16.87 8.19
CA GLY A 30 8.70 -16.45 7.00
C GLY A 30 8.00 -15.42 6.13
N PRO A 31 8.69 -14.92 5.08
CA PRO A 31 8.17 -13.93 4.14
C PRO A 31 7.13 -14.51 3.21
N GLU A 32 6.22 -13.66 2.78
CA GLU A 32 5.12 -14.06 1.92
C GLU A 32 5.07 -13.24 0.64
N LEU A 33 4.88 -13.95 -0.47
CA LEU A 33 4.75 -13.33 -1.77
C LEU A 33 3.36 -13.78 -2.15
N VAL A 34 2.44 -12.84 -2.33
CA VAL A 34 1.07 -13.20 -2.65
C VAL A 34 0.40 -12.37 -3.74
N LYS A 35 -0.63 -12.96 -4.34
CA LYS A 35 -1.37 -12.30 -5.41
C LYS A 35 -2.42 -11.38 -4.82
N PRO A 36 -2.66 -10.23 -5.46
CA PRO A 36 -3.67 -9.28 -4.95
C PRO A 36 -4.97 -10.00 -4.63
N GLY A 37 -5.74 -9.45 -3.69
CA GLY A 37 -7.00 -10.06 -3.32
C GLY A 37 -6.82 -11.29 -2.46
N ALA A 38 -5.60 -11.79 -2.34
CA ALA A 38 -5.35 -12.96 -1.52
C ALA A 38 -5.31 -12.60 -0.03
N SER A 39 -5.07 -13.60 0.81
CA SER A 39 -5.00 -13.38 2.24
C SER A 39 -3.89 -14.22 2.87
N VAL A 40 -3.11 -13.60 3.74
CA VAL A 40 -2.03 -14.30 4.42
C VAL A 40 -2.25 -14.29 5.92
N LYS A 41 -1.54 -15.17 6.63
CA LYS A 41 -1.63 -15.23 8.07
C LYS A 41 -0.27 -15.58 8.63
N MET A 42 0.40 -14.59 9.21
CA MET A 42 1.74 -14.76 9.79
C MET A 42 1.67 -15.10 11.27
N SER A 43 2.79 -15.65 11.76
CA SER A 43 2.88 -16.05 13.16
C SER A 43 3.98 -15.32 13.92
N CYS A 44 3.99 -15.54 15.22
CA CYS A 44 4.93 -14.94 16.16
C CYS A 44 4.95 -15.85 17.37
N LYS A 45 6.04 -16.59 17.57
CA LYS A 45 6.11 -17.47 18.73
C LYS A 45 6.98 -16.86 19.81
N ALA A 46 6.36 -16.61 20.96
CA ALA A 46 7.04 -16.00 22.10
C ALA A 46 7.73 -17.06 22.95
N SER A 47 8.79 -16.65 23.63
CA SER A 47 9.54 -17.55 24.48
C SER A 47 10.31 -16.75 25.53
N GLY A 48 10.59 -17.38 26.66
CA GLY A 48 11.34 -16.72 27.72
C GLY A 48 10.53 -15.76 28.58
N TYR A 49 9.22 -15.87 28.51
CA TYR A 49 8.34 -15.02 29.29
C TYR A 49 6.93 -15.60 29.28
N THR A 50 6.20 -15.41 30.38
CA THR A 50 4.84 -15.92 30.46
C THR A 50 3.93 -15.27 29.42
N PHE A 51 3.79 -15.96 28.30
CA PHE A 51 3.00 -15.50 27.15
C PHE A 51 1.74 -14.68 27.46
N THR A 52 0.99 -15.08 28.48
CA THR A 52 -0.25 -14.37 28.84
C THR A 52 -0.11 -13.16 29.74
N SER A 53 1.10 -12.94 30.27
CA SER A 53 1.35 -11.82 31.15
C SER A 53 1.54 -10.50 30.41
N TYR A 54 1.82 -10.56 29.11
CA TYR A 54 2.03 -9.35 28.32
C TYR A 54 1.23 -9.43 27.02
N VAL A 55 0.71 -8.28 26.57
CA VAL A 55 -0.05 -8.26 25.32
C VAL A 55 0.94 -8.33 24.15
N MET A 56 0.40 -8.52 22.96
CA MET A 56 1.25 -8.60 21.77
C MET A 56 0.73 -7.60 20.75
N HIS A 57 1.61 -6.72 20.28
CA HIS A 57 1.24 -5.70 19.30
C HIS A 57 1.69 -6.10 17.91
N TRP A 58 1.18 -5.39 16.92
CA TRP A 58 1.56 -5.63 15.53
C TRP A 58 1.75 -4.28 14.87
N VAL A 59 2.95 -4.08 14.34
CA VAL A 59 3.31 -2.84 13.68
C VAL A 59 3.59 -3.08 12.20
N LYS A 60 3.12 -2.17 11.37
CA LYS A 60 3.32 -2.27 9.94
C LYS A 60 4.30 -1.22 9.48
N GLN A 61 5.24 -1.62 8.65
CA GLN A 61 6.19 -0.66 8.13
C GLN A 61 6.37 -0.80 6.63
N LYS A 62 5.75 0.11 5.89
CA LYS A 62 5.84 0.11 4.44
C LYS A 62 7.25 0.51 4.10
N PRO A 63 7.96 -0.34 3.36
CA PRO A 63 9.33 -0.17 2.91
C PRO A 63 10.08 1.06 3.39
N GLY A 64 10.03 2.13 2.59
CA GLY A 64 10.74 3.33 2.98
C GLY A 64 10.15 4.12 4.13
N GLN A 65 8.82 4.05 4.29
CA GLN A 65 8.13 4.80 5.32
C GLN A 65 8.34 4.40 6.78
N GLY A 66 7.62 5.07 7.67
CA GLY A 66 7.73 4.83 9.11
C GLY A 66 6.95 3.67 9.69
N LEU A 67 6.82 3.67 11.02
CA LEU A 67 6.11 2.62 11.74
C LEU A 67 4.65 3.00 11.93
N GLU A 68 3.77 2.00 11.84
CA GLU A 68 2.34 2.22 12.00
C GLU A 68 1.77 1.14 12.92
N TRP A 69 1.01 1.56 13.91
CA TRP A 69 0.41 0.61 14.84
C TRP A 69 -0.86 -0.01 14.26
N ILE A 70 -0.98 -1.32 14.38
CA ILE A 70 -2.15 -2.02 13.87
C ILE A 70 -3.10 -2.36 15.01
N GLY A 71 -2.55 -2.92 16.08
CA GLY A 71 -3.35 -3.28 17.23
C GLY A 71 -2.65 -4.31 18.09
N TYR A 72 -3.35 -4.85 19.08
CA TYR A 72 -2.76 -5.87 19.94
C TYR A 72 -3.79 -6.90 20.37
N ILE A 73 -3.27 -8.01 20.90
CA ILE A 73 -4.06 -9.13 21.37
C ILE A 73 -3.60 -9.43 22.79
N ASN A 74 -4.56 -9.65 23.69
CA ASN A 74 -4.24 -9.97 25.07
C ASN A 74 -4.40 -11.47 25.23
N PRO A 75 -3.30 -12.23 25.14
CA PRO A 75 -3.34 -13.68 25.27
C PRO A 75 -4.21 -14.17 26.41
N TYR A 76 -4.04 -13.57 27.58
CA TYR A 76 -4.81 -13.95 28.76
C TYR A 76 -6.30 -14.06 28.50
N ASN A 77 -6.87 -13.07 27.79
CA ASN A 77 -8.30 -13.10 27.53
C ASN A 77 -8.69 -12.97 26.05
N ASP A 78 -7.73 -13.15 25.16
CA ASP A 78 -7.99 -13.05 23.73
C ASP A 78 -8.74 -11.78 23.35
N GLY A 79 -8.58 -10.75 24.18
CA GLY A 79 -9.22 -9.48 23.89
C GLY A 79 -8.29 -8.76 22.95
N THR A 80 -8.82 -7.85 22.14
CA THR A 80 -7.98 -7.12 21.20
C THR A 80 -8.44 -5.71 20.91
N LYS A 81 -7.48 -4.83 20.67
CA LYS A 81 -7.77 -3.45 20.34
C LYS A 81 -7.12 -3.22 18.98
N TYR A 82 -7.83 -2.50 18.10
CA TYR A 82 -7.31 -2.23 16.76
C TYR A 82 -7.20 -0.76 16.48
N ASN A 83 -6.28 -0.42 15.58
CA ASN A 83 -6.13 0.95 15.14
C ASN A 83 -7.27 1.00 14.13
N GLU A 84 -8.25 1.87 14.35
CA GLU A 84 -9.40 1.98 13.46
C GLU A 84 -9.10 1.65 11.99
N LYS A 85 -8.06 2.28 11.46
CA LYS A 85 -7.65 2.10 10.07
C LYS A 85 -7.50 0.67 9.58
N PHE A 86 -7.18 -0.26 10.48
CA PHE A 86 -6.97 -1.65 10.07
C PHE A 86 -8.13 -2.58 10.35
N LYS A 87 -9.28 -2.00 10.71
CA LYS A 87 -10.45 -2.82 10.95
C LYS A 87 -10.92 -3.26 9.56
N GLY A 88 -10.96 -4.57 9.35
CA GLY A 88 -11.39 -5.09 8.08
C GLY A 88 -10.21 -5.55 7.25
N LYS A 89 -9.03 -5.33 7.78
CA LYS A 89 -7.80 -5.72 7.11
C LYS A 89 -7.04 -6.71 7.99
N ALA A 90 -6.67 -6.26 9.17
CA ALA A 90 -5.92 -7.08 10.10
C ALA A 90 -6.82 -7.79 11.09
N THR A 91 -6.44 -9.02 11.44
CA THR A 91 -7.18 -9.81 12.41
C THR A 91 -6.21 -10.52 13.36
N LEU A 92 -6.09 -9.98 14.57
CA LEU A 92 -5.20 -10.55 15.57
C LEU A 92 -5.84 -11.72 16.27
N THR A 93 -5.01 -12.58 16.83
CA THR A 93 -5.48 -13.78 17.51
C THR A 93 -4.29 -14.45 18.18
N SER A 94 -4.56 -15.28 19.19
CA SER A 94 -3.47 -15.97 19.88
C SER A 94 -3.81 -17.42 20.22
N ASP A 95 -2.81 -18.14 20.68
CA ASP A 95 -2.94 -19.54 21.04
C ASP A 95 -2.07 -19.80 22.27
N LYS A 96 -2.65 -19.67 23.45
CA LYS A 96 -1.93 -19.88 24.70
C LYS A 96 -1.11 -21.15 24.70
N SER A 97 -1.68 -22.23 24.17
CA SER A 97 -0.99 -23.52 24.14
C SER A 97 0.38 -23.49 23.47
N SER A 98 0.54 -22.70 22.41
CA SER A 98 1.82 -22.62 21.72
C SER A 98 2.52 -21.27 21.88
N SER A 99 2.01 -20.44 22.79
CA SER A 99 2.61 -19.12 23.00
C SER A 99 2.81 -18.49 21.65
N THR A 100 1.75 -18.45 20.85
CA THR A 100 1.84 -17.87 19.52
C THR A 100 0.72 -16.90 19.19
N ALA A 101 1.09 -15.77 18.60
CA ALA A 101 0.14 -14.77 18.17
C ALA A 101 0.09 -14.85 16.65
N TYR A 102 -1.08 -14.63 16.07
CA TYR A 102 -1.23 -14.69 14.64
C TYR A 102 -1.88 -13.43 14.14
N MET A 103 -1.57 -13.07 12.90
CA MET A 103 -2.19 -11.91 12.29
C MET A 103 -2.61 -12.34 10.91
N GLU A 104 -3.80 -11.94 10.50
CA GLU A 104 -4.30 -12.32 9.18
C GLU A 104 -4.75 -11.12 8.37
N LEU A 105 -4.04 -10.89 7.28
CA LEU A 105 -4.35 -9.81 6.37
C LEU A 105 -5.30 -10.37 5.35
N SER A 106 -6.34 -9.61 5.03
CA SER A 106 -7.36 -10.05 4.07
C SER A 106 -7.53 -9.11 2.89
N SER A 107 -7.88 -9.70 1.73
CA SER A 107 -8.09 -8.95 0.50
C SER A 107 -6.88 -8.07 0.26
N LEU A 108 -5.71 -8.71 0.23
CA LEU A 108 -4.46 -8.00 0.02
C LEU A 108 -4.40 -7.08 -1.17
N THR A 109 -4.04 -5.84 -0.91
CA THR A 109 -3.90 -4.83 -1.94
C THR A 109 -2.39 -4.58 -2.08
N SER A 110 -1.99 -3.67 -2.95
CA SER A 110 -0.57 -3.39 -3.13
C SER A 110 -0.06 -2.64 -1.91
N GLU A 111 -0.92 -1.78 -1.36
CA GLU A 111 -0.58 -0.96 -0.21
C GLU A 111 -0.42 -1.80 1.06
N ASP A 112 -0.50 -3.12 0.93
CA ASP A 112 -0.35 -4.00 2.09
C ASP A 112 1.05 -4.58 2.08
N SER A 113 1.82 -4.24 1.06
CA SER A 113 3.20 -4.72 0.97
C SER A 113 4.01 -3.92 1.98
N ALA A 114 4.54 -4.60 2.99
CA ALA A 114 5.34 -3.95 4.01
C ALA A 114 5.92 -5.01 4.92
N VAL A 115 6.64 -4.57 5.95
CA VAL A 115 7.22 -5.49 6.91
C VAL A 115 6.30 -5.43 8.11
N TYR A 116 5.96 -6.57 8.67
CA TYR A 116 5.08 -6.61 9.83
C TYR A 116 5.80 -7.19 11.02
N TYR A 117 5.79 -6.44 12.12
CA TYR A 117 6.46 -6.87 13.35
C TYR A 117 5.43 -7.17 14.43
N CYS A 118 5.79 -8.07 15.33
CA CYS A 118 4.95 -8.36 16.49
C CYS A 118 5.90 -7.88 17.58
N ALA A 119 5.36 -7.24 18.60
CA ALA A 119 6.18 -6.75 19.68
C ALA A 119 5.39 -6.89 20.97
N ARG A 120 6.10 -7.25 22.04
CA ARG A 120 5.47 -7.41 23.34
C ARG A 120 5.35 -6.10 24.10
N GLY A 121 4.14 -5.76 24.52
CA GLY A 121 3.91 -4.54 25.29
C GLY A 121 4.08 -4.83 26.77
N ALA A 122 4.71 -3.92 27.50
CA ALA A 122 4.92 -4.14 28.93
C ALA A 122 4.48 -2.98 29.81
N TYR A 123 3.64 -3.30 30.78
CA TYR A 123 3.13 -2.31 31.73
C TYR A 123 4.31 -1.77 32.53
N LYS A 124 5.10 -2.68 33.06
CA LYS A 124 6.27 -2.31 33.86
C LYS A 124 7.21 -1.42 33.06
N ARG A 125 6.86 -1.21 31.79
CA ARG A 125 7.69 -0.40 30.91
C ARG A 125 6.90 0.75 30.27
N GLY A 126 5.93 1.29 30.98
CA GLY A 126 5.15 2.39 30.46
C GLY A 126 4.38 2.04 29.20
N TYR A 127 3.94 0.78 29.14
CA TYR A 127 3.18 0.27 28.00
C TYR A 127 3.95 0.22 26.69
N ALA A 128 5.21 0.63 26.73
CA ALA A 128 6.07 0.62 25.56
C ALA A 128 6.28 -0.81 25.08
N MET A 129 6.90 -0.95 23.91
CA MET A 129 7.16 -2.26 23.34
C MET A 129 8.55 -2.78 23.66
N ASP A 130 8.58 -3.67 24.66
CA ASP A 130 9.76 -4.35 25.20
C ASP A 130 10.68 -4.95 24.15
N TYR A 131 10.23 -6.07 23.58
CA TYR A 131 10.96 -6.82 22.58
C TYR A 131 10.15 -6.92 21.29
N TRP A 132 10.87 -6.97 20.16
CA TRP A 132 10.25 -7.06 18.83
C TRP A 132 10.61 -8.33 18.08
N GLY A 133 9.74 -8.72 17.16
CA GLY A 133 10.00 -9.88 16.34
C GLY A 133 10.95 -9.39 15.26
N GLN A 134 11.50 -10.29 14.45
CA GLN A 134 12.43 -9.88 13.41
C GLN A 134 11.67 -9.24 12.24
N GLY A 135 10.36 -9.48 12.20
CA GLY A 135 9.53 -8.93 11.13
C GLY A 135 9.25 -9.95 10.05
N THR A 136 8.06 -9.87 9.45
CA THR A 136 7.67 -10.77 8.38
C THR A 136 7.41 -9.93 7.14
N SER A 137 8.01 -10.33 6.03
CA SER A 137 7.86 -9.59 4.77
C SER A 137 6.68 -10.05 3.93
N VAL A 138 5.82 -9.10 3.58
CA VAL A 138 4.67 -9.41 2.76
C VAL A 138 4.69 -8.57 1.48
N THR A 139 4.80 -9.26 0.34
CA THR A 139 4.84 -8.60 -0.95
C THR A 139 3.66 -9.03 -1.82
N VAL A 140 2.81 -8.06 -2.14
CA VAL A 140 1.63 -8.32 -2.95
C VAL A 140 1.84 -7.89 -4.39
N SER A 141 2.12 -8.85 -5.26
CA SER A 141 2.33 -8.55 -6.68
C SER A 141 1.74 -9.64 -7.55
N SER A 142 1.47 -9.30 -8.81
CA SER A 142 0.90 -10.26 -9.76
C SER A 142 1.75 -11.53 -9.86
N ASP A 159 -5.99 -4.25 -26.97
CA ASP A 159 -6.13 -4.94 -25.69
C ASP A 159 -6.43 -6.42 -25.94
N LEU A 160 -7.03 -7.10 -24.95
CA LEU A 160 -7.33 -8.52 -25.08
C LEU A 160 -8.70 -8.79 -25.70
N VAL A 161 -8.80 -9.91 -26.41
CA VAL A 161 -10.03 -10.31 -27.08
C VAL A 161 -10.51 -11.70 -26.71
N MET A 162 -11.77 -11.78 -26.27
CA MET A 162 -12.37 -13.06 -25.91
C MET A 162 -13.42 -13.42 -26.93
N SER A 163 -13.11 -14.38 -27.78
CA SER A 163 -14.03 -14.83 -28.81
C SER A 163 -14.48 -16.25 -28.52
N GLN A 164 -15.77 -16.53 -28.69
CA GLN A 164 -16.26 -17.86 -28.44
C GLN A 164 -17.39 -18.26 -29.37
N SER A 165 -17.32 -19.50 -29.86
CA SER A 165 -18.34 -20.04 -30.76
C SER A 165 -18.73 -21.44 -30.32
N PRO A 166 -19.82 -21.99 -30.88
CA PRO A 166 -20.68 -21.35 -31.89
C PRO A 166 -21.48 -20.18 -31.34
N SER A 167 -21.94 -19.33 -32.24
CA SER A 167 -22.73 -18.17 -31.86
C SER A 167 -23.99 -18.69 -31.16
N SER A 168 -24.43 -19.88 -31.55
CA SER A 168 -25.60 -20.52 -30.95
C SER A 168 -25.83 -21.87 -31.59
N LEU A 169 -26.52 -22.74 -30.87
CA LEU A 169 -26.82 -24.06 -31.37
C LEU A 169 -28.00 -24.71 -30.65
N ALA A 170 -28.79 -25.48 -31.40
CA ALA A 170 -29.93 -26.20 -30.87
C ALA A 170 -29.46 -27.64 -30.80
N VAL A 171 -29.78 -28.32 -29.71
CA VAL A 171 -29.33 -29.69 -29.53
C VAL A 171 -30.42 -30.56 -28.94
N SER A 172 -30.49 -31.81 -29.39
CA SER A 172 -31.53 -32.70 -28.88
C SER A 172 -31.30 -33.10 -27.44
N ALA A 173 -32.36 -33.05 -26.65
CA ALA A 173 -32.28 -33.42 -25.25
C ALA A 173 -31.43 -34.67 -25.12
N GLY A 174 -30.49 -34.67 -24.19
CA GLY A 174 -29.66 -35.84 -23.99
C GLY A 174 -28.31 -35.80 -24.70
N GLU A 175 -28.25 -35.18 -25.88
CA GLU A 175 -26.99 -35.10 -26.61
C GLU A 175 -25.95 -34.37 -25.77
N LYS A 176 -24.68 -34.52 -26.13
CA LYS A 176 -23.61 -33.84 -25.43
C LYS A 176 -23.39 -32.54 -26.16
N VAL A 177 -23.14 -31.47 -25.40
CA VAL A 177 -22.91 -30.17 -26.02
C VAL A 177 -21.47 -29.74 -25.77
N THR A 178 -20.91 -29.02 -26.73
CA THR A 178 -19.54 -28.53 -26.64
C THR A 178 -19.44 -27.10 -27.14
N MET A 179 -18.96 -26.22 -26.28
CA MET A 179 -18.80 -24.80 -26.62
C MET A 179 -17.34 -24.40 -26.55
N SER A 180 -16.94 -23.48 -27.43
CA SER A 180 -15.56 -23.02 -27.46
C SER A 180 -15.41 -21.60 -26.93
N CYS A 181 -14.19 -21.25 -26.53
CA CYS A 181 -13.84 -19.92 -26.01
C CYS A 181 -12.34 -19.76 -26.22
N LYS A 182 -11.93 -18.62 -26.80
CA LYS A 182 -10.51 -18.36 -27.06
C LYS A 182 -10.12 -16.93 -26.77
N SER A 183 -8.96 -16.77 -26.12
CA SER A 183 -8.45 -15.45 -25.78
C SER A 183 -7.28 -15.10 -26.69
N SER A 184 -7.18 -13.83 -27.03
CA SER A 184 -6.09 -13.36 -27.90
C SER A 184 -4.73 -13.61 -27.25
N GLN A 185 -4.72 -13.63 -25.91
CA GLN A 185 -3.50 -13.84 -25.14
C GLN A 185 -3.77 -14.93 -24.11
N SER A 186 -2.75 -15.73 -23.80
CA SER A 186 -2.92 -16.82 -22.84
C SER A 186 -3.35 -16.37 -21.45
N LEU A 187 -4.31 -17.10 -20.88
CA LEU A 187 -4.80 -16.79 -19.55
C LEU A 187 -4.18 -17.77 -18.57
N PHE A 188 -3.04 -18.35 -18.95
CA PHE A 188 -2.38 -19.28 -18.06
C PHE A 188 -1.27 -18.61 -17.28
N ASN A 189 -1.26 -18.82 -15.97
CA ASN A 189 -0.26 -18.24 -15.09
C ASN A 189 0.70 -19.37 -14.73
N SER A 190 1.89 -19.34 -15.31
CA SER A 190 2.91 -20.35 -15.06
C SER A 190 3.32 -20.37 -13.59
N ARG A 191 3.22 -19.22 -12.94
CA ARG A 191 3.55 -19.07 -11.52
C ARG A 191 2.61 -19.95 -10.72
N THR A 192 1.34 -19.56 -10.68
CA THR A 192 0.33 -20.31 -9.94
C THR A 192 -0.13 -21.56 -10.69
N ARG A 193 0.24 -21.67 -11.96
CA ARG A 193 -0.13 -22.81 -12.77
C ARG A 193 -1.64 -22.99 -12.88
N LYS A 194 -2.34 -21.86 -13.01
CA LYS A 194 -3.80 -21.85 -13.13
C LYS A 194 -4.24 -21.01 -14.33
N ASN A 195 -5.39 -21.35 -14.89
CA ASN A 195 -5.93 -20.61 -16.02
C ASN A 195 -7.03 -19.72 -15.49
N TYR A 196 -6.86 -18.43 -15.65
CA TYR A 196 -7.83 -17.48 -15.15
C TYR A 196 -8.98 -17.22 -16.11
N LEU A 197 -9.85 -18.22 -16.19
CA LEU A 197 -11.03 -18.17 -17.04
C LEU A 197 -12.21 -18.69 -16.24
N ALA A 198 -13.36 -18.05 -16.43
CA ALA A 198 -14.58 -18.46 -15.74
C ALA A 198 -15.70 -18.64 -16.76
N TRP A 199 -16.70 -19.44 -16.40
CA TRP A 199 -17.84 -19.69 -17.27
C TRP A 199 -19.12 -19.36 -16.52
N TYR A 200 -19.93 -18.49 -17.09
CA TYR A 200 -21.19 -18.11 -16.47
C TYR A 200 -22.37 -18.63 -17.29
N GLN A 201 -23.41 -19.03 -16.60
CA GLN A 201 -24.60 -19.53 -17.28
C GLN A 201 -25.71 -18.52 -17.03
N GLN A 202 -26.38 -18.09 -18.09
CA GLN A 202 -27.49 -17.15 -17.91
C GLN A 202 -28.78 -17.67 -18.55
N LYS A 203 -29.70 -18.10 -17.70
CA LYS A 203 -30.99 -18.60 -18.16
C LYS A 203 -31.88 -17.40 -18.49
N PRO A 204 -32.94 -17.62 -19.29
CA PRO A 204 -33.81 -16.49 -19.64
C PRO A 204 -34.32 -15.73 -18.42
N GLY A 205 -34.23 -14.41 -18.49
CA GLY A 205 -34.68 -13.57 -17.40
C GLY A 205 -34.12 -13.94 -16.04
N GLN A 206 -32.79 -14.06 -15.97
CA GLN A 206 -32.11 -14.39 -14.73
C GLN A 206 -30.74 -13.76 -14.76
N SER A 207 -30.16 -13.57 -13.58
CA SER A 207 -28.85 -12.98 -13.50
C SER A 207 -27.82 -14.07 -13.77
N PRO A 208 -26.73 -13.74 -14.47
CA PRO A 208 -25.69 -14.72 -14.78
C PRO A 208 -25.36 -15.53 -13.53
N LYS A 209 -25.01 -16.80 -13.71
CA LYS A 209 -24.65 -17.66 -12.60
C LYS A 209 -23.26 -18.20 -12.86
N LEU A 210 -22.44 -18.30 -11.81
CA LEU A 210 -21.09 -18.81 -12.00
C LEU A 210 -21.13 -20.34 -12.02
N LEU A 211 -20.58 -20.93 -13.09
CA LEU A 211 -20.54 -22.38 -13.24
C LEU A 211 -19.16 -22.93 -12.93
N ILE A 212 -18.16 -22.39 -13.63
CA ILE A 212 -16.78 -22.83 -13.48
C ILE A 212 -15.81 -21.66 -13.33
N TYR A 213 -14.75 -21.87 -12.54
CA TYR A 213 -13.70 -20.88 -12.36
C TYR A 213 -12.35 -21.58 -12.47
N TRP A 214 -11.28 -20.81 -12.68
CA TRP A 214 -9.96 -21.39 -12.87
C TRP A 214 -10.04 -22.38 -14.01
N ALA A 215 -10.89 -22.05 -14.98
CA ALA A 215 -11.10 -22.85 -16.18
C ALA A 215 -11.69 -24.25 -16.00
N SER A 216 -11.37 -24.93 -14.90
CA SER A 216 -11.90 -26.28 -14.72
C SER A 216 -12.51 -26.61 -13.36
N THR A 217 -12.60 -25.64 -12.47
CA THR A 217 -13.19 -25.91 -11.16
C THR A 217 -14.68 -25.58 -11.20
N ARG A 218 -15.48 -26.53 -10.72
CA ARG A 218 -16.92 -26.40 -10.71
C ARG A 218 -17.41 -25.77 -9.42
N GLU A 219 -18.26 -24.75 -9.54
CA GLU A 219 -18.81 -24.11 -8.36
C GLU A 219 -19.77 -25.08 -7.71
N SER A 220 -19.95 -24.95 -6.40
CA SER A 220 -20.86 -25.82 -5.68
C SER A 220 -22.27 -25.61 -6.21
N GLY A 221 -23.06 -26.66 -6.27
CA GLY A 221 -24.42 -26.54 -6.76
C GLY A 221 -24.50 -26.48 -8.27
N VAL A 222 -23.46 -26.97 -8.94
CA VAL A 222 -23.42 -27.00 -10.39
C VAL A 222 -23.34 -28.46 -10.78
N PRO A 223 -24.37 -28.97 -11.46
CA PRO A 223 -24.43 -30.37 -11.90
C PRO A 223 -23.15 -30.88 -12.56
N ASP A 224 -22.87 -32.16 -12.35
CA ASP A 224 -21.67 -32.78 -12.91
C ASP A 224 -21.63 -32.71 -14.43
N ARG A 225 -22.79 -32.47 -15.04
CA ARG A 225 -22.89 -32.38 -16.51
C ARG A 225 -21.87 -31.40 -17.05
N PHE A 226 -21.90 -30.21 -16.47
CA PHE A 226 -21.01 -29.14 -16.87
C PHE A 226 -19.57 -29.45 -16.50
N THR A 227 -18.70 -29.35 -17.51
CA THR A 227 -17.30 -29.62 -17.32
C THR A 227 -16.47 -28.66 -18.16
N GLY A 228 -15.72 -27.79 -17.49
CA GLY A 228 -14.88 -26.85 -18.18
C GLY A 228 -13.49 -27.43 -18.36
N SER A 229 -12.84 -27.07 -19.47
CA SER A 229 -11.51 -27.59 -19.74
C SER A 229 -10.75 -26.65 -20.67
N GLY A 230 -9.50 -27.00 -20.93
CA GLY A 230 -8.67 -26.19 -21.82
C GLY A 230 -7.54 -25.52 -21.07
N SER A 231 -6.67 -24.85 -21.82
CA SER A 231 -5.55 -24.17 -21.20
C SER A 231 -4.90 -23.14 -22.11
N GLY A 232 -4.41 -22.08 -21.48
CA GLY A 232 -3.75 -21.02 -22.21
C GLY A 232 -4.64 -20.15 -23.05
N THR A 233 -4.85 -20.55 -24.30
CA THR A 233 -5.65 -19.75 -25.21
C THR A 233 -7.02 -20.29 -25.54
N ASP A 234 -7.11 -21.61 -25.67
CA ASP A 234 -8.37 -22.24 -26.03
C ASP A 234 -9.00 -23.04 -24.89
N PHE A 235 -10.26 -22.72 -24.60
CA PHE A 235 -10.99 -23.39 -23.55
C PHE A 235 -12.30 -23.92 -24.11
N THR A 236 -12.87 -24.89 -23.41
CA THR A 236 -14.12 -25.47 -23.86
C THR A 236 -15.02 -25.95 -22.72
N LEU A 237 -16.28 -25.50 -22.74
CA LEU A 237 -17.28 -25.86 -21.74
C LEU A 237 -18.09 -27.00 -22.33
N THR A 238 -18.23 -28.09 -21.58
CA THR A 238 -18.96 -29.25 -22.07
C THR A 238 -20.10 -29.72 -21.17
N ILE A 239 -21.24 -29.97 -21.79
CA ILE A 239 -22.41 -30.46 -21.08
C ILE A 239 -22.61 -31.94 -21.48
N SER A 240 -22.29 -32.84 -20.55
CA SER A 240 -22.40 -34.27 -20.77
C SER A 240 -23.63 -34.71 -21.54
N SER A 241 -24.79 -34.53 -20.90
CA SER A 241 -26.06 -34.87 -21.49
C SER A 241 -26.97 -33.70 -21.21
N VAL A 242 -27.19 -32.88 -22.23
CA VAL A 242 -28.01 -31.69 -22.04
C VAL A 242 -29.46 -32.00 -21.63
N GLN A 243 -30.03 -31.11 -20.84
CA GLN A 243 -31.40 -31.23 -20.35
C GLN A 243 -32.22 -29.99 -20.69
N ALA A 244 -33.54 -30.11 -20.61
CA ALA A 244 -34.41 -28.99 -20.94
C ALA A 244 -34.02 -27.71 -20.20
N GLU A 245 -33.71 -27.85 -18.91
CA GLU A 245 -33.32 -26.71 -18.08
C GLU A 245 -32.06 -25.96 -18.47
N ASP A 246 -31.25 -26.56 -19.35
CA ASP A 246 -30.00 -25.91 -19.77
C ASP A 246 -30.19 -24.83 -20.82
N LEU A 247 -31.45 -24.49 -21.11
CA LEU A 247 -31.77 -23.43 -22.06
C LEU A 247 -31.12 -22.19 -21.47
N ALA A 248 -30.12 -21.65 -22.14
CA ALA A 248 -29.43 -20.46 -21.63
C ALA A 248 -28.36 -19.94 -22.57
N VAL A 249 -27.68 -18.89 -22.15
CA VAL A 249 -26.58 -18.35 -22.91
C VAL A 249 -25.38 -18.54 -22.01
N TYR A 250 -24.31 -19.08 -22.57
CA TYR A 250 -23.12 -19.32 -21.79
C TYR A 250 -22.00 -18.35 -22.15
N TYR A 251 -21.49 -17.69 -21.13
CA TYR A 251 -20.42 -16.73 -21.32
C TYR A 251 -19.14 -17.19 -20.65
N CYS A 252 -18.02 -17.00 -21.33
CA CYS A 252 -16.74 -17.33 -20.74
C CYS A 252 -16.12 -15.97 -20.49
N LYS A 253 -15.30 -15.89 -19.44
CA LYS A 253 -14.69 -14.63 -19.11
C LYS A 253 -13.29 -14.80 -18.56
N GLN A 254 -12.36 -13.98 -19.04
CA GLN A 254 -11.01 -14.06 -18.50
C GLN A 254 -11.13 -13.23 -17.22
N SER A 255 -10.74 -13.82 -16.11
CA SER A 255 -10.83 -13.14 -14.83
C SER A 255 -9.52 -13.10 -14.08
N TYR A 256 -9.00 -11.89 -13.93
CA TYR A 256 -7.77 -11.65 -13.20
C TYR A 256 -8.05 -10.32 -12.53
N TYR A 257 -7.53 -10.10 -11.32
CA TYR A 257 -7.75 -8.82 -10.65
C TYR A 257 -7.34 -7.78 -11.68
N HIS A 258 -7.95 -6.60 -11.65
CA HIS A 258 -7.59 -5.52 -12.59
C HIS A 258 -8.16 -5.64 -14.00
N MET A 259 -8.38 -6.84 -14.49
CA MET A 259 -8.89 -6.99 -15.85
C MET A 259 -9.87 -8.15 -16.03
N TYR A 260 -11.05 -7.84 -16.58
CA TYR A 260 -12.08 -8.84 -16.83
C TYR A 260 -12.61 -8.64 -18.24
N THR A 261 -12.72 -9.73 -18.99
CA THR A 261 -13.22 -9.64 -20.37
C THR A 261 -14.23 -10.73 -20.63
N PHE A 262 -15.41 -10.36 -21.09
CA PHE A 262 -16.47 -11.33 -21.38
C PHE A 262 -16.46 -11.80 -22.83
N GLY A 263 -16.72 -13.10 -23.00
CA GLY A 263 -16.78 -13.65 -24.34
C GLY A 263 -18.13 -13.23 -24.92
N SER A 264 -18.32 -13.43 -26.22
CA SER A 264 -19.56 -13.05 -26.88
C SER A 264 -20.76 -13.89 -26.44
N GLY A 265 -20.49 -15.03 -25.82
CA GLY A 265 -21.56 -15.91 -25.37
C GLY A 265 -22.01 -16.89 -26.43
N THR A 266 -22.58 -18.01 -25.98
CA THR A 266 -23.11 -19.04 -26.88
C THR A 266 -24.54 -19.35 -26.44
N LYS A 267 -25.51 -19.09 -27.32
CA LYS A 267 -26.92 -19.36 -26.98
C LYS A 267 -27.18 -20.83 -27.20
N LEU A 268 -27.81 -21.48 -26.23
CA LEU A 268 -28.11 -22.89 -26.33
C LEU A 268 -29.59 -23.16 -26.10
N GLU A 269 -30.21 -23.82 -27.06
CA GLU A 269 -31.62 -24.17 -26.97
C GLU A 269 -31.69 -25.68 -27.05
N ILE A 270 -32.71 -26.26 -26.42
CA ILE A 270 -32.88 -27.70 -26.44
C ILE A 270 -34.07 -28.17 -27.30
N LYS A 271 -33.77 -29.13 -28.17
CA LYS A 271 -34.73 -29.71 -29.09
C LYS A 271 -35.25 -31.04 -28.53
N HIS A 272 -36.43 -31.46 -29.00
CA HIS A 272 -37.03 -32.69 -28.52
C HIS A 272 -36.53 -33.98 -29.17
N HIS A 273 -36.38 -35.01 -28.32
CA HIS A 273 -35.95 -36.34 -28.71
C HIS A 273 -35.52 -37.14 -27.48
N GLU B 23 14.40 27.06 -30.73
CA GLU B 23 13.08 26.72 -31.32
C GLU B 23 12.12 26.12 -30.27
N VAL B 24 12.38 24.90 -29.82
CA VAL B 24 11.49 24.29 -28.82
C VAL B 24 11.60 25.02 -27.50
N GLN B 25 10.46 25.40 -26.93
CA GLN B 25 10.43 26.11 -25.66
C GLN B 25 9.22 25.79 -24.79
N LEU B 26 9.43 25.79 -23.49
CA LEU B 26 8.37 25.52 -22.52
C LEU B 26 8.39 26.60 -21.45
N GLN B 27 7.39 27.48 -21.50
CA GLN B 27 7.29 28.60 -20.56
C GLN B 27 6.30 28.35 -19.42
N GLN B 28 6.82 27.97 -18.25
CA GLN B 28 5.96 27.70 -17.10
C GLN B 28 5.47 29.00 -16.45
N SER B 29 4.41 28.89 -15.66
CA SER B 29 3.85 30.05 -14.98
C SER B 29 4.67 30.44 -13.77
N GLY B 30 4.52 31.69 -13.35
CA GLY B 30 5.25 32.22 -12.21
C GLY B 30 5.06 31.48 -10.89
N PRO B 31 5.86 31.85 -9.87
CA PRO B 31 5.84 31.27 -8.52
C PRO B 31 4.54 31.53 -7.82
N GLU B 32 4.13 30.61 -6.95
CA GLU B 32 2.88 30.78 -6.25
C GLU B 32 2.94 30.40 -4.78
N LEU B 33 2.59 31.36 -3.94
CA LEU B 33 2.56 31.18 -2.51
C LEU B 33 1.10 30.88 -2.18
N VAL B 34 0.85 29.86 -1.37
CA VAL B 34 -0.51 29.49 -1.03
C VAL B 34 -0.75 29.19 0.44
N LYS B 35 -2.00 28.86 0.75
CA LYS B 35 -2.42 28.53 2.11
C LYS B 35 -2.87 27.07 2.11
N PRO B 36 -2.56 26.33 3.18
CA PRO B 36 -2.95 24.90 3.27
C PRO B 36 -4.38 24.64 2.82
N GLY B 37 -4.61 23.46 2.26
CA GLY B 37 -5.94 23.09 1.80
C GLY B 37 -6.36 23.73 0.49
N ALA B 38 -5.77 24.88 0.15
CA ALA B 38 -6.10 25.57 -1.09
C ALA B 38 -5.78 24.74 -2.33
N SER B 39 -5.80 25.38 -3.50
CA SER B 39 -5.51 24.68 -4.74
C SER B 39 -4.95 25.63 -5.80
N VAL B 40 -3.94 25.17 -6.53
CA VAL B 40 -3.30 25.96 -7.58
C VAL B 40 -3.27 25.30 -8.94
N LYS B 41 -3.26 26.13 -9.98
CA LYS B 41 -3.22 25.66 -11.36
C LYS B 41 -2.09 26.43 -12.08
N MET B 42 -1.07 25.72 -12.55
CA MET B 42 0.04 26.37 -13.25
C MET B 42 0.03 26.06 -14.73
N SER B 43 0.69 26.91 -15.50
CA SER B 43 0.75 26.74 -16.95
C SER B 43 2.09 26.18 -17.43
N CYS B 44 2.18 26.02 -18.76
CA CYS B 44 3.35 25.52 -19.46
C CYS B 44 3.04 25.79 -20.93
N LYS B 45 3.51 26.91 -21.44
CA LYS B 45 3.25 27.26 -22.83
C LYS B 45 4.30 26.71 -23.80
N ALA B 46 3.89 25.71 -24.58
CA ALA B 46 4.76 25.08 -25.56
C ALA B 46 5.04 26.05 -26.69
N SER B 47 5.94 25.66 -27.59
CA SER B 47 6.32 26.48 -28.74
C SER B 47 7.49 25.85 -29.47
N GLY B 48 7.59 26.08 -30.77
CA GLY B 48 8.69 25.53 -31.55
C GLY B 48 8.52 24.08 -31.96
N TYR B 49 7.39 23.46 -31.63
CA TYR B 49 7.14 22.08 -32.00
C TYR B 49 5.63 21.84 -32.10
N THR B 50 5.23 20.81 -32.83
CA THR B 50 3.82 20.47 -32.98
C THR B 50 3.23 20.00 -31.65
N PHE B 51 2.56 20.91 -30.94
CA PHE B 51 1.97 20.61 -29.62
C PHE B 51 1.31 19.25 -29.43
N THR B 52 0.54 18.80 -30.42
CA THR B 52 -0.15 17.52 -30.30
C THR B 52 0.66 16.28 -30.66
N SER B 53 1.86 16.48 -31.19
CA SER B 53 2.71 15.35 -31.57
C SER B 53 3.52 14.77 -30.41
N TYR B 54 3.50 15.46 -29.26
CA TYR B 54 4.23 15.01 -28.07
C TYR B 54 3.41 15.26 -26.82
N VAL B 55 3.52 14.32 -25.88
CA VAL B 55 2.79 14.41 -24.62
C VAL B 55 3.57 15.24 -23.59
N MET B 56 2.87 15.94 -22.71
CA MET B 56 3.49 16.77 -21.67
C MET B 56 3.59 16.08 -20.32
N HIS B 57 4.79 16.03 -19.76
CA HIS B 57 4.98 15.43 -18.45
C HIS B 57 5.05 16.50 -17.38
N TRP B 58 4.83 16.09 -16.15
CA TRP B 58 4.90 16.98 -15.01
C TRP B 58 5.71 16.28 -13.93
N VAL B 59 6.86 16.89 -13.60
CA VAL B 59 7.74 16.34 -12.59
C VAL B 59 7.77 17.24 -11.35
N LYS B 60 7.70 16.61 -10.18
CA LYS B 60 7.73 17.30 -8.89
C LYS B 60 9.08 17.14 -8.22
N GLN B 61 9.57 18.21 -7.61
CA GLN B 61 10.84 18.16 -6.91
C GLN B 61 10.82 19.02 -5.65
N LYS B 62 10.68 18.36 -4.50
CA LYS B 62 10.67 19.09 -3.24
C LYS B 62 11.98 19.87 -3.11
N PRO B 63 12.01 20.88 -2.22
CA PRO B 63 13.18 21.71 -1.99
C PRO B 63 14.53 21.06 -2.26
N GLY B 64 14.89 20.08 -1.45
CA GLY B 64 16.17 19.44 -1.64
C GLY B 64 16.15 18.07 -2.29
N GLN B 65 15.00 17.38 -2.20
CA GLN B 65 14.86 16.02 -2.73
C GLN B 65 15.10 15.86 -4.23
N GLY B 66 14.92 14.64 -4.71
CA GLY B 66 15.10 14.35 -6.12
C GLY B 66 13.87 14.64 -6.95
N LEU B 67 13.78 14.00 -8.11
CA LEU B 67 12.66 14.20 -9.01
C LEU B 67 11.58 13.12 -8.88
N GLU B 68 10.33 13.53 -9.04
CA GLU B 68 9.17 12.64 -8.97
C GLU B 68 8.31 12.83 -10.21
N TRP B 69 7.92 11.74 -10.83
CA TRP B 69 7.08 11.83 -12.02
C TRP B 69 5.62 11.87 -11.59
N ILE B 70 4.96 13.00 -11.81
CA ILE B 70 3.55 13.15 -11.45
C ILE B 70 2.64 12.43 -12.45
N GLY B 71 2.88 12.68 -13.73
CA GLY B 71 2.11 12.05 -14.78
C GLY B 71 2.25 12.85 -16.07
N TYR B 72 1.33 12.62 -17.01
CA TYR B 72 1.39 13.36 -18.26
C TYR B 72 0.04 13.40 -18.95
N ILE B 73 -0.03 14.12 -20.06
CA ILE B 73 -1.26 14.26 -20.82
C ILE B 73 -1.00 14.42 -22.30
N ASN B 74 -1.70 13.65 -23.12
CA ASN B 74 -1.55 13.75 -24.56
C ASN B 74 -2.43 14.92 -24.98
N PRO B 75 -1.82 16.01 -25.46
CA PRO B 75 -2.56 17.19 -25.90
C PRO B 75 -3.62 16.87 -26.96
N TYR B 76 -3.24 15.99 -27.88
CA TYR B 76 -4.11 15.59 -28.99
C TYR B 76 -5.46 15.02 -28.61
N ASN B 77 -5.46 14.03 -27.71
CA ASN B 77 -6.71 13.40 -27.30
C ASN B 77 -7.04 13.70 -25.84
N ASP B 78 -6.37 14.70 -25.27
CA ASP B 78 -6.56 15.09 -23.88
C ASP B 78 -6.54 13.95 -22.88
N GLY B 79 -5.97 12.82 -23.30
CA GLY B 79 -5.85 11.66 -22.43
C GLY B 79 -4.72 11.88 -21.44
N THR B 80 -4.89 11.37 -20.23
CA THR B 80 -3.87 11.56 -19.21
C THR B 80 -3.43 10.26 -18.53
N LYS B 81 -2.17 10.21 -18.11
CA LYS B 81 -1.64 9.04 -17.42
C LYS B 81 -1.00 9.54 -16.13
N TYR B 82 -1.43 8.97 -15.00
CA TYR B 82 -0.93 9.41 -13.70
C TYR B 82 -0.15 8.37 -12.91
N ASN B 83 0.78 8.88 -12.10
CA ASN B 83 1.56 8.03 -11.22
C ASN B 83 0.63 7.90 -10.03
N GLU B 84 0.35 6.67 -9.64
CA GLU B 84 -0.57 6.42 -8.53
C GLU B 84 -0.54 7.50 -7.46
N LYS B 85 0.60 7.65 -6.80
CA LYS B 85 0.76 8.65 -5.74
C LYS B 85 0.00 9.97 -5.94
N PHE B 86 0.06 10.52 -7.14
CA PHE B 86 -0.57 11.79 -7.43
C PHE B 86 -1.98 11.71 -8.00
N LYS B 87 -2.47 10.48 -8.14
CA LYS B 87 -3.80 10.23 -8.67
C LYS B 87 -4.79 11.29 -8.22
N GLY B 88 -4.94 11.44 -6.91
CA GLY B 88 -5.87 12.42 -6.40
C GLY B 88 -5.45 13.88 -6.32
N LYS B 89 -4.17 14.13 -6.07
CA LYS B 89 -3.72 15.52 -5.93
C LYS B 89 -3.51 16.36 -7.18
N ALA B 90 -3.00 15.74 -8.23
CA ALA B 90 -2.74 16.50 -9.45
C ALA B 90 -3.75 16.27 -10.57
N THR B 91 -4.05 17.34 -11.31
CA THR B 91 -4.99 17.25 -12.42
C THR B 91 -4.46 17.97 -13.67
N LEU B 92 -4.08 17.16 -14.66
CA LEU B 92 -3.55 17.65 -15.92
C LEU B 92 -4.62 17.95 -16.94
N THR B 93 -4.43 19.06 -17.67
CA THR B 93 -5.38 19.50 -18.67
C THR B 93 -4.60 20.12 -19.84
N SER B 94 -5.18 20.10 -21.04
CA SER B 94 -4.49 20.65 -22.21
C SER B 94 -5.34 21.52 -23.12
N ASP B 95 -4.84 22.73 -23.37
CA ASP B 95 -5.50 23.71 -24.24
C ASP B 95 -4.82 23.66 -25.61
N LYS B 96 -5.36 22.83 -26.50
CA LYS B 96 -4.78 22.68 -27.85
C LYS B 96 -4.60 23.97 -28.64
N SER B 97 -5.48 24.95 -28.45
CA SER B 97 -5.40 26.20 -29.20
C SER B 97 -4.15 27.01 -28.90
N SER B 98 -3.86 27.18 -27.62
CA SER B 98 -2.70 27.96 -27.17
C SER B 98 -1.46 27.11 -26.92
N SER B 99 -1.52 25.84 -27.27
CA SER B 99 -0.40 24.94 -27.04
C SER B 99 0.02 25.07 -25.59
N THR B 100 -0.96 25.05 -24.69
CA THR B 100 -0.67 25.19 -23.28
C THR B 100 -1.16 24.02 -22.47
N ALA B 101 -0.33 23.59 -21.52
CA ALA B 101 -0.68 22.49 -20.64
C ALA B 101 -0.86 23.08 -19.25
N TYR B 102 -1.65 22.41 -18.42
CA TYR B 102 -1.89 22.90 -17.08
C TYR B 102 -1.90 21.76 -16.09
N MET B 103 -1.61 22.08 -14.83
CA MET B 103 -1.65 21.10 -13.76
C MET B 103 -2.29 21.81 -12.59
N GLU B 104 -3.09 21.08 -11.84
CA GLU B 104 -3.77 21.68 -10.71
C GLU B 104 -3.67 20.84 -9.45
N LEU B 105 -2.98 21.38 -8.45
CA LEU B 105 -2.80 20.69 -7.19
C LEU B 105 -3.97 21.06 -6.29
N SER B 106 -4.62 20.04 -5.74
CA SER B 106 -5.76 20.24 -4.86
C SER B 106 -5.36 20.00 -3.41
N SER B 107 -6.07 20.63 -2.48
CA SER B 107 -5.82 20.48 -1.05
C SER B 107 -4.33 20.59 -0.68
N LEU B 108 -3.69 21.63 -1.18
CA LEU B 108 -2.28 21.87 -0.92
C LEU B 108 -1.90 21.67 0.54
N THR B 109 -0.95 20.77 0.78
CA THR B 109 -0.49 20.50 2.14
C THR B 109 0.97 20.94 2.22
N SER B 110 1.66 20.50 3.27
CA SER B 110 3.06 20.86 3.45
C SER B 110 3.93 20.13 2.43
N GLU B 111 3.59 18.87 2.19
CA GLU B 111 4.34 18.03 1.25
C GLU B 111 4.29 18.57 -0.17
N ASP B 112 3.23 19.30 -0.48
CA ASP B 112 3.04 19.85 -1.81
C ASP B 112 3.99 21.00 -2.11
N SER B 113 4.66 21.51 -1.08
CA SER B 113 5.60 22.60 -1.27
C SER B 113 6.76 22.02 -2.07
N ALA B 114 6.98 22.54 -3.27
CA ALA B 114 8.04 22.04 -4.14
C ALA B 114 8.13 22.83 -5.43
N VAL B 115 8.89 22.30 -6.37
CA VAL B 115 9.04 22.92 -7.68
C VAL B 115 8.48 21.96 -8.69
N TYR B 116 7.61 22.48 -9.56
CA TYR B 116 7.00 21.63 -10.56
C TYR B 116 7.46 21.96 -11.96
N TYR B 117 7.91 20.92 -12.66
CA TYR B 117 8.42 21.05 -14.01
C TYR B 117 7.47 20.37 -14.99
N CYS B 118 7.51 20.85 -16.23
CA CYS B 118 6.73 20.25 -17.31
C CYS B 118 7.78 19.94 -18.36
N ALA B 119 7.73 18.73 -18.90
CA ALA B 119 8.69 18.36 -19.91
C ALA B 119 8.05 17.61 -21.06
N ARG B 120 8.45 18.00 -22.27
CA ARG B 120 7.96 17.37 -23.48
C ARG B 120 8.56 15.97 -23.54
N GLY B 121 7.71 14.96 -23.62
CA GLY B 121 8.19 13.58 -23.71
C GLY B 121 8.30 13.25 -25.20
N ALA B 122 9.32 12.50 -25.59
CA ALA B 122 9.50 12.16 -27.00
C ALA B 122 9.83 10.69 -27.30
N TYR B 123 8.99 10.07 -28.11
CA TYR B 123 9.17 8.68 -28.51
C TYR B 123 10.54 8.55 -29.16
N LYS B 124 10.83 9.46 -30.08
CA LYS B 124 12.09 9.50 -30.82
C LYS B 124 13.32 9.46 -29.89
N ARG B 125 13.08 9.70 -28.61
CA ARG B 125 14.13 9.71 -27.60
C ARG B 125 13.88 8.67 -26.52
N GLY B 126 13.60 7.44 -26.94
CA GLY B 126 13.33 6.37 -25.99
C GLY B 126 12.33 6.80 -24.92
N TYR B 127 11.38 7.64 -25.29
CA TYR B 127 10.36 8.14 -24.39
C TYR B 127 10.87 9.13 -23.35
N ALA B 128 12.16 9.48 -23.45
CA ALA B 128 12.79 10.41 -22.51
C ALA B 128 12.18 11.82 -22.62
N MET B 129 12.46 12.66 -21.62
CA MET B 129 11.97 14.03 -21.58
C MET B 129 12.91 15.01 -22.30
N ASP B 130 12.63 15.16 -23.58
CA ASP B 130 13.32 16.01 -24.55
C ASP B 130 13.67 17.42 -24.08
N TYR B 131 12.65 18.17 -23.67
CA TYR B 131 12.80 19.56 -23.22
C TYR B 131 12.04 19.83 -21.93
N TRP B 132 12.57 20.71 -21.09
CA TRP B 132 11.96 21.04 -19.80
C TRP B 132 11.60 22.51 -19.60
N GLY B 133 10.59 22.75 -18.77
CA GLY B 133 10.19 24.12 -18.48
C GLY B 133 11.11 24.63 -17.40
N GLN B 134 11.08 25.92 -17.11
CA GLN B 134 11.94 26.50 -16.08
C GLN B 134 11.44 26.14 -14.68
N GLY B 135 10.28 25.51 -14.60
CA GLY B 135 9.72 25.12 -13.32
C GLY B 135 8.88 26.19 -12.63
N THR B 136 7.98 25.74 -11.76
CA THR B 136 7.12 26.65 -11.03
C THR B 136 7.18 26.25 -9.57
N SER B 137 7.56 27.20 -8.71
CA SER B 137 7.69 26.93 -7.28
C SER B 137 6.36 27.14 -6.56
N VAL B 138 6.07 26.26 -5.62
CA VAL B 138 4.82 26.33 -4.86
C VAL B 138 5.09 26.20 -3.37
N THR B 139 4.83 27.28 -2.64
CA THR B 139 5.04 27.31 -1.20
C THR B 139 3.71 27.26 -0.47
N VAL B 140 3.54 26.25 0.37
CA VAL B 140 2.32 26.10 1.14
C VAL B 140 2.53 26.67 2.54
N SER B 141 1.76 27.72 2.87
CA SER B 141 1.85 28.40 4.17
C SER B 141 1.49 27.55 5.39
N SER B 142 1.31 28.22 6.52
CA SER B 142 0.98 27.55 7.77
C SER B 142 -0.27 28.17 8.40
N GLY B 157 -9.94 16.89 19.48
CA GLY B 157 -11.00 17.02 18.51
C GLY B 157 -11.20 15.76 17.68
N SER B 158 -10.29 15.51 16.75
CA SER B 158 -10.36 14.32 15.90
C SER B 158 -9.72 13.16 16.64
N ASP B 159 -8.41 13.02 16.44
CA ASP B 159 -7.62 11.97 17.07
C ASP B 159 -6.33 12.59 17.58
N LEU B 160 -5.50 11.77 18.21
CA LEU B 160 -4.23 12.23 18.73
C LEU B 160 -3.19 12.16 17.63
N VAL B 161 -2.49 13.26 17.42
CA VAL B 161 -1.46 13.32 16.40
C VAL B 161 -0.09 13.44 17.04
N MET B 162 0.88 12.71 16.50
CA MET B 162 2.24 12.72 17.00
C MET B 162 3.13 13.26 15.89
N SER B 163 3.84 14.35 16.17
CA SER B 163 4.72 14.92 15.16
C SER B 163 6.15 15.04 15.65
N GLN B 164 7.11 14.71 14.77
CA GLN B 164 8.53 14.78 15.13
C GLN B 164 9.26 15.74 14.22
N SER B 165 10.44 16.18 14.64
CA SER B 165 11.26 17.08 13.83
C SER B 165 12.66 17.22 14.41
N PRO B 166 13.66 17.48 13.54
CA PRO B 166 13.45 17.62 12.09
C PRO B 166 13.24 16.23 11.52
N SER B 167 12.86 16.16 10.26
CA SER B 167 12.65 14.86 9.62
C SER B 167 14.00 14.21 9.35
N SER B 168 15.01 15.05 9.13
CA SER B 168 16.35 14.58 8.84
C SER B 168 17.44 15.32 9.61
N LEU B 169 18.50 14.59 9.96
CA LEU B 169 19.63 15.15 10.68
C LEU B 169 20.95 14.58 10.16
N ALA B 170 21.96 15.43 10.09
CA ALA B 170 23.28 15.01 9.64
C ALA B 170 24.26 15.77 10.51
N VAL B 171 25.03 15.04 11.31
CA VAL B 171 25.96 15.71 12.21
C VAL B 171 27.34 15.07 12.25
N SER B 172 28.34 15.90 12.56
CA SER B 172 29.71 15.44 12.65
C SER B 172 29.81 14.44 13.79
N ALA B 173 30.60 13.40 13.58
CA ALA B 173 30.76 12.34 14.56
C ALA B 173 30.92 12.79 16.01
N GLY B 174 31.48 13.95 16.25
CA GLY B 174 31.62 14.33 17.64
C GLY B 174 30.40 14.96 18.29
N GLU B 175 29.82 15.91 17.56
CA GLU B 175 28.67 16.69 18.02
C GLU B 175 27.49 16.02 18.71
N LYS B 176 26.64 16.88 19.29
CA LYS B 176 25.44 16.50 20.01
C LYS B 176 24.22 16.80 19.14
N VAL B 177 23.16 16.01 19.32
CA VAL B 177 21.94 16.23 18.56
C VAL B 177 20.72 16.17 19.46
N THR B 178 19.71 16.96 19.10
CA THR B 178 18.45 16.98 19.82
C THR B 178 17.35 16.91 18.77
N MET B 179 16.36 16.06 19.03
CA MET B 179 15.24 15.91 18.13
C MET B 179 13.98 15.95 18.99
N SER B 180 12.95 16.63 18.50
CA SER B 180 11.71 16.76 19.25
C SER B 180 10.61 15.79 18.82
N CYS B 181 9.53 15.81 19.60
CA CYS B 181 8.36 14.97 19.40
C CYS B 181 7.21 15.62 20.16
N LYS B 182 6.20 16.08 19.45
CA LYS B 182 5.04 16.71 20.07
C LYS B 182 3.78 15.87 19.94
N SER B 183 3.00 15.83 21.01
CA SER B 183 1.75 15.10 21.04
C SER B 183 0.62 16.12 21.03
N SER B 184 -0.46 15.85 20.31
CA SER B 184 -1.57 16.80 20.25
C SER B 184 -2.32 16.83 21.58
N GLN B 185 -1.96 15.92 22.49
CA GLN B 185 -2.61 15.84 23.80
C GLN B 185 -1.63 15.41 24.88
N SER B 186 -1.75 16.00 26.06
CA SER B 186 -0.85 15.66 27.16
C SER B 186 -0.75 14.15 27.36
N LEU B 187 0.48 13.64 27.48
CA LEU B 187 0.68 12.22 27.70
C LEU B 187 1.04 11.99 29.15
N PHE B 188 0.90 13.04 29.97
CA PHE B 188 1.22 12.96 31.40
C PHE B 188 0.00 12.65 32.25
N ASN B 189 0.14 11.70 33.16
CA ASN B 189 -0.94 11.30 34.06
C ASN B 189 -0.65 11.73 35.49
N SER B 190 -1.42 12.71 35.97
CA SER B 190 -1.26 13.22 37.33
C SER B 190 -1.31 12.12 38.39
N ARG B 191 -2.34 11.28 38.31
CA ARG B 191 -2.55 10.18 39.25
C ARG B 191 -1.35 9.24 39.32
N THR B 192 -0.77 8.98 38.15
CA THR B 192 0.36 8.09 38.03
C THR B 192 1.70 8.81 38.06
N ARG B 193 1.65 10.11 37.77
CA ARG B 193 2.83 10.96 37.77
C ARG B 193 3.86 10.53 36.75
N LYS B 194 3.41 10.15 35.57
CA LYS B 194 4.31 9.69 34.50
C LYS B 194 3.81 10.05 33.12
N ASN B 195 4.73 10.45 32.25
CA ASN B 195 4.40 10.77 30.87
C ASN B 195 4.52 9.47 30.09
N TYR B 196 3.49 9.14 29.34
CA TYR B 196 3.52 7.90 28.57
C TYR B 196 4.01 8.09 27.15
N LEU B 197 5.31 8.30 27.02
CA LEU B 197 5.94 8.46 25.72
C LEU B 197 7.12 7.50 25.72
N ALA B 198 7.57 7.13 24.53
CA ALA B 198 8.71 6.21 24.41
C ALA B 198 9.45 6.53 23.15
N TRP B 199 10.74 6.24 23.14
CA TRP B 199 11.54 6.49 21.97
C TRP B 199 12.06 5.16 21.46
N TYR B 200 12.06 5.02 20.15
CA TYR B 200 12.56 3.79 19.53
C TYR B 200 13.62 4.13 18.51
N GLN B 201 14.63 3.29 18.47
CA GLN B 201 15.71 3.46 17.51
C GLN B 201 15.64 2.31 16.54
N GLN B 202 15.79 2.62 15.27
CA GLN B 202 15.78 1.59 14.25
C GLN B 202 16.94 1.79 13.29
N LYS B 203 17.95 0.94 13.43
CA LYS B 203 19.13 0.99 12.59
C LYS B 203 18.80 0.26 11.29
N PRO B 204 19.47 0.60 10.20
CA PRO B 204 19.22 -0.02 8.90
C PRO B 204 19.08 -1.53 8.96
N GLY B 205 18.05 -2.03 8.29
CA GLY B 205 17.78 -3.45 8.24
C GLY B 205 17.58 -4.14 9.57
N GLN B 206 17.03 -3.44 10.55
CA GLN B 206 16.80 -4.02 11.86
C GLN B 206 15.42 -3.64 12.40
N SER B 207 14.98 -4.36 13.42
CA SER B 207 13.69 -4.07 14.04
C SER B 207 13.87 -2.88 14.97
N PRO B 208 12.80 -2.14 15.25
CA PRO B 208 12.99 -1.01 16.16
C PRO B 208 13.45 -1.54 17.52
N LYS B 209 14.10 -0.69 18.29
CA LYS B 209 14.59 -1.06 19.61
C LYS B 209 14.12 0.00 20.59
N LEU B 210 13.62 -0.45 21.75
CA LEU B 210 13.13 0.48 22.76
C LEU B 210 14.33 1.08 23.47
N LEU B 211 14.47 2.40 23.37
CA LEU B 211 15.57 3.11 24.03
C LEU B 211 15.11 3.72 25.33
N ILE B 212 13.97 4.40 25.26
CA ILE B 212 13.43 5.09 26.41
C ILE B 212 11.94 4.94 26.60
N TYR B 213 11.53 4.71 27.84
CA TYR B 213 10.11 4.63 28.16
C TYR B 213 9.79 5.64 29.25
N TRP B 214 8.50 5.95 29.42
CA TRP B 214 8.08 6.96 30.39
C TRP B 214 8.79 8.27 30.13
N ALA B 215 8.97 8.57 28.84
CA ALA B 215 9.59 9.81 28.40
C ALA B 215 11.06 10.00 28.75
N SER B 216 11.50 9.42 29.87
CA SER B 216 12.89 9.64 30.29
C SER B 216 13.67 8.48 30.91
N THR B 217 13.06 7.30 31.02
CA THR B 217 13.74 6.15 31.59
C THR B 217 14.51 5.32 30.57
N ARG B 218 15.84 5.41 30.59
CA ARG B 218 16.65 4.63 29.65
C ARG B 218 16.37 3.16 29.90
N GLU B 219 16.37 2.36 28.84
CA GLU B 219 16.12 0.93 28.99
C GLU B 219 17.46 0.24 29.23
N SER B 220 17.42 -0.92 29.88
CA SER B 220 18.65 -1.67 30.18
C SER B 220 19.47 -1.86 28.92
N GLY B 221 20.73 -1.40 28.97
CA GLY B 221 21.61 -1.54 27.83
C GLY B 221 21.81 -0.25 27.06
N VAL B 222 20.78 0.59 27.03
CA VAL B 222 20.87 1.85 26.32
C VAL B 222 21.91 2.76 26.99
N PRO B 223 22.90 3.22 26.21
CA PRO B 223 23.96 4.11 26.70
C PRO B 223 23.45 5.45 27.19
N ASP B 224 24.20 6.03 28.14
CA ASP B 224 23.86 7.30 28.74
C ASP B 224 23.85 8.46 27.76
N ARG B 225 24.41 8.24 26.56
CA ARG B 225 24.45 9.29 25.54
C ARG B 225 23.03 9.72 25.24
N PHE B 226 22.16 8.72 25.14
CA PHE B 226 20.75 8.90 24.85
C PHE B 226 20.01 9.38 26.07
N THR B 227 19.43 10.58 25.97
CA THR B 227 18.71 11.15 27.09
C THR B 227 17.36 11.71 26.68
N GLY B 228 16.31 11.09 27.22
CA GLY B 228 14.97 11.53 26.92
C GLY B 228 14.42 12.45 27.98
N SER B 229 13.81 13.54 27.55
CA SER B 229 13.24 14.51 28.46
C SER B 229 11.91 15.00 27.92
N GLY B 230 11.36 16.00 28.58
CA GLY B 230 10.10 16.57 28.17
C GLY B 230 8.94 16.17 29.07
N SER B 231 7.78 16.76 28.84
CA SER B 231 6.62 16.43 29.64
C SER B 231 5.30 16.91 29.08
N GLY B 232 4.28 16.10 29.27
CA GLY B 232 2.95 16.44 28.81
C GLY B 232 2.75 16.33 27.32
N THR B 233 3.06 17.41 26.61
CA THR B 233 2.86 17.43 25.17
C THR B 233 4.12 17.58 24.34
N ASP B 234 5.20 18.11 24.94
CA ASP B 234 6.45 18.30 24.21
C ASP B 234 7.60 17.51 24.80
N PHE B 235 8.18 16.61 24.01
CA PHE B 235 9.29 15.80 24.49
C PHE B 235 10.51 15.92 23.60
N THR B 236 11.65 15.43 24.09
CA THR B 236 12.90 15.52 23.36
C THR B 236 13.84 14.35 23.62
N LEU B 237 14.56 13.94 22.59
CA LEU B 237 15.53 12.86 22.71
C LEU B 237 16.86 13.51 22.42
N THR B 238 17.84 13.30 23.27
CA THR B 238 19.13 13.92 23.07
C THR B 238 20.29 12.95 23.11
N ILE B 239 21.12 13.01 22.07
CA ILE B 239 22.30 12.19 21.95
C ILE B 239 23.44 13.19 22.17
N SER B 240 24.23 12.96 23.22
CA SER B 240 25.33 13.86 23.56
C SER B 240 26.52 13.80 22.61
N SER B 241 27.06 12.60 22.43
CA SER B 241 28.20 12.42 21.55
C SER B 241 27.84 11.37 20.51
N VAL B 242 27.30 11.84 19.39
CA VAL B 242 26.89 10.98 18.30
C VAL B 242 28.02 10.05 17.87
N GLN B 243 27.73 8.78 17.65
CA GLN B 243 28.75 7.83 17.19
C GLN B 243 28.35 7.39 15.79
N ALA B 244 29.30 6.84 15.04
CA ALA B 244 29.00 6.38 13.70
C ALA B 244 27.87 5.36 13.70
N GLU B 245 27.76 4.57 14.78
CA GLU B 245 26.74 3.54 14.88
C GLU B 245 25.36 4.03 15.33
N ASP B 246 25.19 5.34 15.36
CA ASP B 246 23.90 5.88 15.75
C ASP B 246 23.07 6.13 14.51
N LEU B 247 23.62 5.74 13.36
CA LEU B 247 22.94 5.87 12.08
C LEU B 247 21.67 5.05 12.21
N ALA B 248 20.53 5.73 12.19
CA ALA B 248 19.25 5.07 12.35
C ALA B 248 18.11 6.07 12.23
N VAL B 249 16.91 5.60 12.51
CA VAL B 249 15.75 6.48 12.51
C VAL B 249 15.15 6.36 13.89
N TYR B 250 14.91 7.50 14.52
CA TYR B 250 14.36 7.48 15.86
C TYR B 250 12.88 7.86 15.84
N TYR B 251 12.04 6.95 16.31
CA TYR B 251 10.60 7.17 16.35
C TYR B 251 10.14 7.31 17.78
N CYS B 252 9.22 8.23 18.02
CA CYS B 252 8.64 8.38 19.34
C CYS B 252 7.26 7.78 19.20
N LYS B 253 6.67 7.39 20.32
CA LYS B 253 5.34 6.81 20.29
C LYS B 253 4.59 7.05 21.60
N GLN B 254 3.42 7.69 21.52
CA GLN B 254 2.62 7.92 22.72
C GLN B 254 2.12 6.52 23.02
N SER B 255 2.25 6.10 24.28
CA SER B 255 1.89 4.74 24.63
C SER B 255 1.04 4.49 25.85
N TYR B 256 -0.21 4.91 25.84
CA TYR B 256 -1.02 4.56 26.99
C TYR B 256 -1.69 3.26 26.56
N TYR B 257 -1.96 2.33 27.48
CA TYR B 257 -2.60 1.06 27.11
C TYR B 257 -3.84 1.44 26.31
N HIS B 258 -4.25 0.59 25.37
CA HIS B 258 -5.44 0.83 24.54
C HIS B 258 -5.21 1.76 23.33
N MET B 259 -4.22 2.63 23.41
CA MET B 259 -3.96 3.54 22.29
C MET B 259 -2.48 3.82 22.08
N TYR B 260 -2.00 3.52 20.87
CA TYR B 260 -0.60 3.74 20.54
C TYR B 260 -0.51 4.54 19.25
N THR B 261 0.45 5.45 19.18
CA THR B 261 0.62 6.31 18.02
C THR B 261 2.07 6.66 17.84
N PHE B 262 2.62 6.33 16.67
CA PHE B 262 4.01 6.62 16.36
C PHE B 262 4.16 8.00 15.75
N GLY B 263 5.40 8.47 15.67
CA GLY B 263 5.66 9.75 15.06
C GLY B 263 6.31 9.45 13.72
N SER B 264 6.36 10.45 12.85
CA SER B 264 6.97 10.27 11.55
C SER B 264 8.42 9.78 11.67
N GLY B 265 9.04 10.06 12.81
CA GLY B 265 10.42 9.64 13.02
C GLY B 265 11.44 10.62 12.45
N THR B 266 12.62 10.66 13.07
CA THR B 266 13.70 11.53 12.63
C THR B 266 14.87 10.67 12.17
N LYS B 267 15.32 10.90 10.95
CA LYS B 267 16.44 10.15 10.38
C LYS B 267 17.76 10.79 10.79
N LEU B 268 18.67 9.99 11.35
CA LEU B 268 19.97 10.51 11.79
C LEU B 268 21.11 9.90 11.01
N GLU B 269 21.95 10.75 10.45
CA GLU B 269 23.11 10.32 9.67
C GLU B 269 24.37 11.02 10.18
N ILE B 270 25.43 10.24 10.39
CA ILE B 270 26.69 10.79 10.88
C ILE B 270 27.68 11.11 9.77
N LYS B 271 28.45 12.17 9.97
CA LYS B 271 29.44 12.61 8.99
C LYS B 271 30.81 12.82 9.64
N HIS B 272 31.81 13.18 8.83
CA HIS B 272 33.14 13.43 9.34
C HIS B 272 33.18 14.80 10.02
N HIS B 273 34.17 14.99 10.89
CA HIS B 273 34.31 16.26 11.62
C HIS B 273 34.41 17.49 10.70
N HIS B 274 34.27 18.68 11.30
CA HIS B 274 34.32 19.95 10.59
C HIS B 274 33.36 20.02 9.41
#